data_1MKB
#
_entry.id   1MKB
#
_cell.length_a   68.500
_cell.length_b   86.900
_cell.length_c   60.500
_cell.angle_alpha   90.00
_cell.angle_beta   90.00
_cell.angle_gamma   90.00
#
_symmetry.space_group_name_H-M   'P 21 21 21'
#
loop_
_entity.id
_entity.type
_entity.pdbx_description
1 polymer 'BETA-HYDROXYDECANOYL THIOL ESTER DEHYDRASE'
2 water water
#
_entity_poly.entity_id   1
_entity_poly.type   'polypeptide(L)'
_entity_poly.pdbx_seq_one_letter_code
;VDKRESYTKEDLLASGRGELFGAKGPQLPAPNMLMMDRVVKMTETGGNFDKGYVEAELDINPDLWFFGCHFIGDPVMPGC
LGLDAMWQLVGFYLGWLGGEGKGRALGVGEVKFTGQVLPTAKKVTYRIHFKRIVNRRLIMGLADGEVLVDGRLIYTASDL
KVGLFQDTSAF
;
_entity_poly.pdbx_strand_id   A,B
#
# COMPACT_ATOMS: atom_id res chain seq x y z
N VAL A 1 11.77 -27.08 -0.06
CA VAL A 1 12.67 -26.31 -0.97
C VAL A 1 14.06 -26.32 -0.32
N ASP A 2 15.10 -26.08 -1.11
CA ASP A 2 16.46 -26.02 -0.56
C ASP A 2 16.64 -24.63 0.03
N LYS A 3 16.67 -24.55 1.35
CA LYS A 3 16.78 -23.29 2.04
C LYS A 3 18.14 -22.62 1.98
N ARG A 4 18.12 -21.34 1.62
CA ARG A 4 19.31 -20.49 1.57
C ARG A 4 19.00 -19.32 2.51
N GLU A 5 20.03 -18.64 2.99
CA GLU A 5 19.81 -17.52 3.89
C GLU A 5 19.80 -16.19 3.15
N SER A 6 20.18 -16.19 1.88
CA SER A 6 20.18 -14.97 1.09
C SER A 6 19.85 -15.28 -0.37
N TYR A 7 19.19 -14.32 -1.02
CA TYR A 7 18.79 -14.45 -2.42
C TYR A 7 19.14 -13.17 -3.18
N THR A 8 19.47 -13.32 -4.45
CA THR A 8 19.84 -12.19 -5.31
C THR A 8 18.64 -11.65 -6.10
N LYS A 9 18.87 -10.56 -6.83
CA LYS A 9 17.82 -9.95 -7.64
C LYS A 9 17.28 -10.99 -8.61
N GLU A 10 18.19 -11.79 -9.15
CA GLU A 10 17.89 -12.84 -10.10
C GLU A 10 16.96 -13.90 -9.51
N ASP A 11 17.21 -14.28 -8.25
CA ASP A 11 16.36 -15.26 -7.57
C ASP A 11 14.98 -14.68 -7.38
N LEU A 12 14.91 -13.42 -6.95
CA LEU A 12 13.64 -12.74 -6.71
C LEU A 12 12.81 -12.64 -8.01
N LEU A 13 13.49 -12.43 -9.13
CA LEU A 13 12.81 -12.36 -10.45
C LEU A 13 12.32 -13.75 -10.82
N ALA A 14 13.11 -14.79 -10.51
CA ALA A 14 12.71 -16.16 -10.79
C ALA A 14 11.50 -16.48 -9.93
N SER A 15 11.45 -15.92 -8.73
CA SER A 15 10.34 -16.12 -7.82
C SER A 15 9.02 -15.54 -8.37
N GLY A 16 9.10 -14.46 -9.14
CA GLY A 16 7.93 -13.85 -9.76
C GLY A 16 7.28 -14.80 -10.75
N ARG A 17 8.06 -15.75 -11.26
CA ARG A 17 7.56 -16.73 -12.22
C ARG A 17 7.32 -18.12 -11.62
N GLY A 18 7.57 -18.27 -10.33
CA GLY A 18 7.36 -19.54 -9.67
C GLY A 18 8.50 -20.51 -9.92
N GLU A 19 9.64 -19.97 -10.33
CA GLU A 19 10.81 -20.77 -10.63
C GLU A 19 11.79 -20.94 -9.50
N LEU A 20 11.51 -20.33 -8.34
CA LEU A 20 12.42 -20.44 -7.21
C LEU A 20 11.94 -21.55 -6.27
N PHE A 21 10.68 -21.51 -5.85
CA PHE A 21 10.13 -22.52 -4.95
C PHE A 21 9.28 -23.57 -5.67
N GLY A 22 9.09 -23.41 -6.98
CA GLY A 22 8.29 -24.35 -7.71
C GLY A 22 6.87 -23.85 -7.94
N ALA A 23 6.18 -24.43 -8.92
CA ALA A 23 4.82 -24.04 -9.28
C ALA A 23 3.80 -24.05 -8.15
N LYS A 24 3.94 -24.97 -7.20
CA LYS A 24 2.99 -25.06 -6.08
C LYS A 24 3.23 -23.97 -5.01
N GLY A 25 4.38 -23.32 -5.07
CA GLY A 25 4.69 -22.29 -4.09
C GLY A 25 4.16 -20.91 -4.46
N PRO A 26 4.22 -19.95 -3.52
CA PRO A 26 3.74 -18.59 -3.78
C PRO A 26 4.72 -17.81 -4.63
N GLN A 27 4.26 -16.71 -5.22
CA GLN A 27 5.13 -15.90 -6.06
C GLN A 27 5.27 -14.50 -5.54
N LEU A 28 6.39 -13.87 -5.89
CA LEU A 28 6.62 -12.47 -5.55
C LEU A 28 6.11 -11.74 -6.79
N PRO A 29 5.72 -10.47 -6.66
CA PRO A 29 5.24 -9.72 -7.83
C PRO A 29 6.46 -9.49 -8.71
N ALA A 30 6.24 -9.16 -9.97
CA ALA A 30 7.32 -8.88 -10.89
C ALA A 30 7.38 -7.37 -11.01
N PRO A 31 8.45 -6.81 -11.63
CA PRO A 31 8.50 -5.35 -11.76
C PRO A 31 7.24 -4.97 -12.55
N ASN A 32 6.66 -3.80 -12.27
CA ASN A 32 7.17 -2.84 -11.31
C ASN A 32 6.65 -2.92 -9.88
N MET A 33 5.99 -4.02 -9.52
CA MET A 33 5.48 -4.17 -8.16
C MET A 33 6.49 -4.81 -7.17
N LEU A 34 7.58 -5.38 -7.69
CA LEU A 34 8.63 -6.01 -6.86
C LEU A 34 9.34 -4.91 -6.07
N MET A 35 9.22 -4.92 -4.75
CA MET A 35 9.81 -3.84 -3.96
C MET A 35 11.13 -4.03 -3.24
N MET A 36 11.93 -4.98 -3.68
CA MET A 36 13.23 -5.22 -3.06
C MET A 36 14.13 -5.77 -4.13
N ASP A 37 15.44 -5.58 -3.94
CA ASP A 37 16.46 -6.05 -4.87
C ASP A 37 17.10 -7.34 -4.39
N ARG A 38 17.19 -7.53 -3.07
CA ARG A 38 17.78 -8.73 -2.52
C ARG A 38 17.35 -8.97 -1.09
N VAL A 39 17.42 -10.22 -0.69
CA VAL A 39 17.09 -10.65 0.67
C VAL A 39 18.49 -10.93 1.23
N VAL A 40 18.88 -10.17 2.24
CA VAL A 40 20.22 -10.32 2.82
C VAL A 40 20.35 -11.38 3.92
N LYS A 41 19.25 -11.73 4.57
CA LYS A 41 19.28 -12.74 5.61
C LYS A 41 17.90 -13.27 5.94
N MET A 42 17.80 -14.58 6.10
CA MET A 42 16.54 -15.25 6.45
C MET A 42 16.93 -16.36 7.42
N THR A 43 16.26 -16.44 8.56
CA THR A 43 16.57 -17.46 9.55
C THR A 43 15.27 -17.95 10.20
N GLU A 44 15.24 -19.22 10.60
CA GLU A 44 14.04 -19.78 11.22
C GLU A 44 13.82 -19.34 12.64
N THR A 45 14.88 -18.87 13.28
CA THR A 45 14.81 -18.36 14.64
C THR A 45 15.36 -16.95 14.53
N GLY A 46 15.52 -16.27 15.64
CA GLY A 46 16.03 -14.92 15.54
C GLY A 46 14.84 -13.98 15.42
N GLY A 47 15.13 -12.69 15.36
CA GLY A 47 14.09 -11.69 15.28
C GLY A 47 13.68 -11.36 16.70
N ASN A 48 12.88 -10.32 16.85
CA ASN A 48 12.43 -9.89 18.17
C ASN A 48 11.64 -10.91 18.96
N PHE A 49 11.14 -11.96 18.32
CA PHE A 49 10.34 -12.96 19.05
C PHE A 49 10.99 -14.34 19.00
N ASP A 50 12.18 -14.39 18.43
CA ASP A 50 12.95 -15.62 18.28
C ASP A 50 12.12 -16.66 17.54
N LYS A 51 11.33 -16.21 16.59
CA LYS A 51 10.52 -17.12 15.80
C LYS A 51 10.66 -16.91 14.28
N GLY A 52 11.73 -16.24 13.88
CA GLY A 52 11.93 -16.03 12.46
C GLY A 52 12.31 -14.59 12.18
N TYR A 53 13.19 -14.40 11.20
CA TYR A 53 13.65 -13.08 10.85
C TYR A 53 13.98 -12.99 9.37
N VAL A 54 13.70 -11.83 8.78
CA VAL A 54 14.00 -11.58 7.37
C VAL A 54 14.51 -10.16 7.20
N GLU A 55 15.64 -10.00 6.51
CA GLU A 55 16.17 -8.67 6.24
C GLU A 55 16.38 -8.61 4.72
N ALA A 56 15.87 -7.54 4.12
CA ALA A 56 15.94 -7.32 2.68
C ALA A 56 16.24 -5.85 2.40
N GLU A 57 16.69 -5.58 1.18
CA GLU A 57 17.05 -4.23 0.79
C GLU A 57 16.55 -3.81 -0.59
N LEU A 58 16.35 -2.51 -0.74
CA LEU A 58 15.93 -1.92 -2.01
C LEU A 58 16.90 -0.77 -2.28
N ASP A 59 17.57 -0.79 -3.43
CA ASP A 59 18.49 0.27 -3.77
C ASP A 59 17.69 1.44 -4.34
N ILE A 60 17.99 2.64 -3.85
CA ILE A 60 17.30 3.86 -4.27
C ILE A 60 18.10 4.70 -5.26
N ASN A 61 17.40 5.18 -6.28
CA ASN A 61 17.99 6.08 -7.28
C ASN A 61 16.85 7.03 -7.72
N PRO A 62 17.19 8.22 -8.23
CA PRO A 62 16.17 9.19 -8.66
C PRO A 62 15.24 8.75 -9.78
N ASP A 63 15.65 7.73 -10.53
CA ASP A 63 14.87 7.24 -11.66
C ASP A 63 13.81 6.16 -11.40
N LEU A 64 13.63 5.73 -10.16
CA LEU A 64 12.62 4.72 -9.87
C LEU A 64 11.26 5.31 -10.26
N TRP A 65 10.49 4.53 -11.02
CA TRP A 65 9.17 4.94 -11.52
C TRP A 65 8.24 5.76 -10.63
N PHE A 66 8.09 5.33 -9.38
CA PHE A 66 7.18 6.01 -8.44
C PHE A 66 7.51 7.44 -8.01
N PHE A 67 8.76 7.88 -8.22
CA PHE A 67 9.15 9.25 -7.86
C PHE A 67 8.55 10.25 -8.84
N GLY A 68 8.46 9.82 -10.10
CA GLY A 68 7.91 10.68 -11.15
C GLY A 68 6.43 11.01 -11.05
N CYS A 69 5.64 10.02 -10.62
CA CYS A 69 4.20 10.23 -10.51
C CYS A 69 3.69 10.49 -9.09
N HIS A 70 4.58 10.37 -8.10
CA HIS A 70 4.18 10.56 -6.70
C HIS A 70 5.23 11.39 -5.93
N PHE A 71 5.16 12.72 -5.94
CA PHE A 71 4.18 13.55 -6.66
C PHE A 71 4.94 14.40 -7.68
N ILE A 72 4.21 15.03 -8.59
CA ILE A 72 4.86 15.87 -9.57
C ILE A 72 5.42 17.09 -8.83
N GLY A 73 6.74 17.25 -8.89
CA GLY A 73 7.37 18.36 -8.21
C GLY A 73 7.52 18.13 -6.71
N ASP A 74 7.28 16.92 -6.24
CA ASP A 74 7.40 16.58 -4.81
C ASP A 74 7.60 15.07 -4.75
N PRO A 75 8.70 14.56 -5.33
CA PRO A 75 8.98 13.13 -5.35
C PRO A 75 9.21 12.50 -3.98
N VAL A 76 8.41 11.48 -3.68
CA VAL A 76 8.53 10.76 -2.42
C VAL A 76 7.99 9.34 -2.62
N MET A 77 8.73 8.36 -2.11
CA MET A 77 8.29 6.98 -2.23
C MET A 77 6.96 6.79 -1.48
N PRO A 78 5.97 6.16 -2.17
CA PRO A 78 4.67 5.93 -1.53
C PRO A 78 4.83 4.97 -0.32
N GLY A 79 4.38 5.38 0.86
CA GLY A 79 4.44 4.51 2.01
C GLY A 79 3.72 3.20 1.77
N CYS A 80 2.68 3.21 0.94
CA CYS A 80 1.93 1.98 0.65
C CYS A 80 2.80 0.91 0.01
N LEU A 81 3.82 1.33 -0.74
CA LEU A 81 4.72 0.37 -1.40
C LEU A 81 5.72 -0.23 -0.41
N GLY A 82 6.11 0.57 0.59
CA GLY A 82 7.03 0.09 1.62
C GLY A 82 6.26 -0.94 2.43
N LEU A 83 4.99 -0.62 2.69
CA LEU A 83 4.14 -1.54 3.41
C LEU A 83 3.98 -2.84 2.60
N ASP A 84 3.78 -2.72 1.29
CA ASP A 84 3.60 -3.91 0.49
C ASP A 84 4.82 -4.80 0.50
N ALA A 85 5.99 -4.18 0.50
CA ALA A 85 7.23 -4.94 0.51
C ALA A 85 7.24 -5.87 1.77
N MET A 86 6.73 -5.37 2.88
CA MET A 86 6.66 -6.17 4.10
C MET A 86 5.70 -7.35 3.90
N TRP A 87 4.54 -7.11 3.29
CA TRP A 87 3.62 -8.22 3.04
C TRP A 87 4.26 -9.21 2.06
N GLN A 88 4.99 -8.69 1.06
CA GLN A 88 5.67 -9.55 0.05
C GLN A 88 6.64 -10.49 0.75
N LEU A 89 7.39 -9.96 1.71
CA LEU A 89 8.40 -10.74 2.45
C LEU A 89 7.81 -11.80 3.37
N VAL A 90 6.67 -11.53 3.98
CA VAL A 90 6.03 -12.53 4.82
C VAL A 90 5.61 -13.71 3.92
N GLY A 91 4.98 -13.41 2.78
CA GLY A 91 4.58 -14.47 1.86
C GLY A 91 5.80 -15.24 1.35
N PHE A 92 6.89 -14.53 1.07
CA PHE A 92 8.11 -15.17 0.58
C PHE A 92 8.68 -16.15 1.65
N TYR A 93 8.69 -15.72 2.91
CA TYR A 93 9.17 -16.55 4.00
C TYR A 93 8.30 -17.81 4.12
N LEU A 94 6.98 -17.66 4.03
CA LEU A 94 6.08 -18.80 4.09
C LEU A 94 6.40 -19.83 2.99
N GLY A 95 6.72 -19.34 1.79
CA GLY A 95 7.10 -20.22 0.69
C GLY A 95 8.42 -20.91 0.97
N TRP A 96 9.36 -20.15 1.53
CA TRP A 96 10.71 -20.61 1.92
C TRP A 96 10.62 -21.78 2.91
N LEU A 97 9.62 -21.72 3.80
CA LEU A 97 9.42 -22.80 4.77
C LEU A 97 8.76 -24.00 4.09
N GLY A 98 8.53 -23.87 2.79
CA GLY A 98 7.91 -24.96 2.05
C GLY A 98 6.38 -24.88 1.95
N GLY A 99 5.81 -23.71 2.18
CA GLY A 99 4.37 -23.57 2.08
C GLY A 99 3.88 -23.63 0.62
N GLU A 100 2.67 -24.14 0.43
CA GLU A 100 2.08 -24.28 -0.89
C GLU A 100 0.78 -23.46 -1.01
N GLY A 101 0.65 -22.75 -2.12
CA GLY A 101 -0.52 -21.94 -2.34
C GLY A 101 -0.10 -20.59 -2.82
N LYS A 102 -1.07 -19.74 -3.16
CA LYS A 102 -0.81 -18.39 -3.63
C LYS A 102 -0.92 -17.43 -2.47
N GLY A 103 -0.03 -16.45 -2.42
CA GLY A 103 -0.08 -15.50 -1.34
C GLY A 103 -1.12 -14.43 -1.49
N ARG A 104 -1.73 -14.09 -0.35
CA ARG A 104 -2.70 -13.03 -0.28
C ARG A 104 -2.55 -12.32 1.07
N ALA A 105 -2.31 -11.02 1.04
CA ALA A 105 -2.20 -10.25 2.27
C ALA A 105 -3.59 -10.22 2.84
N LEU A 106 -3.73 -10.53 4.13
CA LEU A 106 -5.01 -10.54 4.82
C LEU A 106 -5.21 -9.28 5.66
N GLY A 107 -4.13 -8.57 5.99
CA GLY A 107 -4.31 -7.35 6.75
C GLY A 107 -3.07 -6.92 7.50
N VAL A 108 -3.23 -5.88 8.32
CA VAL A 108 -2.17 -5.34 9.16
C VAL A 108 -2.85 -4.71 10.41
N GLY A 109 -2.16 -4.71 11.56
CA GLY A 109 -2.76 -4.18 12.78
C GLY A 109 -2.73 -2.69 12.99
N GLU A 110 -1.55 -2.11 12.78
CA GLU A 110 -1.32 -0.68 12.94
C GLU A 110 -0.09 -0.32 12.14
N VAL A 111 -0.15 0.79 11.44
CA VAL A 111 0.97 1.23 10.62
C VAL A 111 1.27 2.69 10.97
N LYS A 112 2.54 3.04 10.97
CA LYS A 112 2.96 4.39 11.29
C LYS A 112 4.08 4.81 10.38
N PHE A 113 3.89 5.97 9.74
CA PHE A 113 4.90 6.54 8.85
C PHE A 113 5.38 7.77 9.59
N THR A 114 6.65 7.76 9.97
CA THR A 114 7.23 8.88 10.71
C THR A 114 8.34 9.54 9.92
N GLY A 115 8.54 9.09 8.69
CA GLY A 115 9.58 9.66 7.85
C GLY A 115 9.27 9.38 6.39
N GLN A 116 10.15 9.75 5.48
CA GLN A 116 9.89 9.54 4.06
C GLN A 116 11.15 9.16 3.31
N VAL A 117 10.99 8.52 2.15
CA VAL A 117 12.12 8.14 1.32
C VAL A 117 12.14 9.09 0.12
N LEU A 118 13.17 9.92 0.04
CA LEU A 118 13.30 10.87 -1.06
C LEU A 118 14.25 10.31 -2.08
N PRO A 119 14.30 10.90 -3.27
CA PRO A 119 15.20 10.41 -4.32
C PRO A 119 16.71 10.54 -4.02
N THR A 120 17.03 11.22 -2.93
CA THR A 120 18.41 11.44 -2.50
C THR A 120 18.94 10.32 -1.58
N ALA A 121 18.03 9.47 -1.09
CA ALA A 121 18.41 8.35 -0.22
C ALA A 121 19.17 7.34 -1.04
N LYS A 122 19.78 6.36 -0.39
CA LYS A 122 20.55 5.35 -1.10
C LYS A 122 20.03 3.93 -0.93
N LYS A 123 19.54 3.60 0.26
CA LYS A 123 19.06 2.24 0.50
C LYS A 123 17.93 2.13 1.51
N VAL A 124 16.98 1.24 1.23
CA VAL A 124 15.86 1.02 2.13
C VAL A 124 16.06 -0.37 2.67
N THR A 125 15.90 -0.52 3.98
CA THR A 125 16.04 -1.81 4.62
C THR A 125 14.73 -2.23 5.20
N TYR A 126 14.37 -3.50 5.00
CA TYR A 126 13.12 -4.05 5.52
C TYR A 126 13.52 -5.09 6.56
N ARG A 127 12.89 -5.06 7.73
CA ARG A 127 13.17 -6.04 8.76
C ARG A 127 11.85 -6.60 9.22
N ILE A 128 11.72 -7.91 9.11
CA ILE A 128 10.52 -8.62 9.47
C ILE A 128 10.83 -9.53 10.67
N HIS A 129 10.02 -9.41 11.71
CA HIS A 129 10.16 -10.19 12.92
C HIS A 129 8.93 -11.05 13.08
N PHE A 130 9.05 -12.35 12.80
CA PHE A 130 7.90 -13.24 12.91
C PHE A 130 7.46 -13.52 14.32
N LYS A 131 6.15 -13.59 14.51
CA LYS A 131 5.64 -13.89 15.82
C LYS A 131 4.81 -15.16 15.86
N ARG A 132 4.34 -15.61 14.70
CA ARG A 132 3.55 -16.82 14.65
C ARG A 132 3.33 -17.30 13.24
N ILE A 133 3.41 -18.61 13.05
CA ILE A 133 3.19 -19.23 11.75
C ILE A 133 2.24 -20.40 11.94
N VAL A 134 1.41 -20.62 10.93
CA VAL A 134 0.43 -21.70 10.92
C VAL A 134 0.71 -22.39 9.59
N ASN A 135 1.42 -23.52 9.62
CA ASN A 135 1.79 -24.27 8.41
C ASN A 135 1.09 -25.62 8.36
N ARG A 136 -0.19 -25.62 8.72
CA ARG A 136 -0.99 -26.84 8.73
C ARG A 136 -1.83 -26.87 7.45
N ARG A 137 -3.10 -27.23 7.59
CA ARG A 137 -4.03 -27.23 6.47
C ARG A 137 -4.34 -25.76 6.21
N LEU A 138 -4.02 -24.94 7.20
CA LEU A 138 -4.21 -23.49 7.15
C LEU A 138 -2.82 -22.86 7.27
N ILE A 139 -2.41 -22.08 6.28
CA ILE A 139 -1.10 -21.45 6.32
C ILE A 139 -1.14 -19.93 6.38
N MET A 140 -0.85 -19.39 7.56
CA MET A 140 -0.84 -17.96 7.78
C MET A 140 0.42 -17.58 8.52
N GLY A 141 0.87 -16.35 8.30
CA GLY A 141 2.07 -15.84 8.93
C GLY A 141 1.70 -14.50 9.53
N LEU A 142 2.13 -14.28 10.76
CA LEU A 142 1.87 -13.06 11.48
C LEU A 142 3.24 -12.47 11.87
N ALA A 143 3.49 -11.22 11.50
CA ALA A 143 4.77 -10.56 11.78
C ALA A 143 4.69 -9.08 12.03
N ASP A 144 5.76 -8.56 12.63
CA ASP A 144 5.89 -7.13 12.86
C ASP A 144 6.97 -6.72 11.86
N GLY A 145 6.90 -5.50 11.36
CA GLY A 145 7.90 -5.10 10.41
C GLY A 145 8.43 -3.72 10.66
N GLU A 146 9.59 -3.44 10.07
CA GLU A 146 10.23 -2.14 10.21
C GLU A 146 10.87 -1.79 8.89
N VAL A 147 10.83 -0.51 8.56
CA VAL A 147 11.46 -0.01 7.34
C VAL A 147 12.40 1.08 7.79
N LEU A 148 13.63 1.02 7.29
CA LEU A 148 14.64 2.01 7.61
C LEU A 148 15.19 2.60 6.31
N VAL A 149 15.51 3.89 6.31
CA VAL A 149 16.10 4.47 5.12
C VAL A 149 17.44 4.99 5.55
N ASP A 150 18.46 4.51 4.86
CA ASP A 150 19.84 4.85 5.18
C ASP A 150 20.15 4.69 6.69
N GLY A 151 19.63 3.60 7.25
CA GLY A 151 19.86 3.27 8.65
C GLY A 151 18.95 3.89 9.69
N ARG A 152 17.99 4.71 9.26
CA ARG A 152 17.05 5.37 10.18
C ARG A 152 15.63 4.83 10.00
N LEU A 153 15.02 4.40 11.11
CA LEU A 153 13.68 3.83 11.10
C LEU A 153 12.65 4.86 10.67
N ILE A 154 11.83 4.54 9.67
CA ILE A 154 10.77 5.46 9.23
C ILE A 154 9.34 4.87 9.29
N TYR A 155 9.15 3.58 9.03
CA TYR A 155 7.79 2.98 9.10
C TYR A 155 7.80 1.78 10.03
N THR A 156 6.69 1.52 10.72
CA THR A 156 6.59 0.32 11.54
C THR A 156 5.21 -0.24 11.28
N ALA A 157 5.07 -1.56 11.31
CA ALA A 157 3.78 -2.20 11.12
C ALA A 157 3.66 -3.33 12.11
N SER A 158 2.59 -3.37 12.88
CA SER A 158 2.38 -4.48 13.80
C SER A 158 1.36 -5.42 13.19
N ASP A 159 1.57 -6.73 13.40
CA ASP A 159 0.65 -7.77 12.95
C ASP A 159 0.32 -7.85 11.48
N LEU A 160 1.36 -7.83 10.66
CA LEU A 160 1.21 -8.01 9.23
C LEU A 160 0.70 -9.46 9.11
N LYS A 161 -0.39 -9.67 8.36
CA LYS A 161 -0.95 -11.00 8.21
C LYS A 161 -1.04 -11.35 6.71
N VAL A 162 -0.54 -12.53 6.37
CA VAL A 162 -0.52 -13.04 4.99
C VAL A 162 -0.87 -14.52 4.99
N GLY A 163 -1.68 -14.96 4.04
CA GLY A 163 -2.01 -16.36 3.96
C GLY A 163 -1.71 -16.95 2.60
N LEU A 164 -1.47 -18.26 2.54
CA LEU A 164 -1.21 -18.95 1.28
C LEU A 164 -2.49 -19.75 0.95
N PHE A 165 -3.12 -19.45 -0.17
CA PHE A 165 -4.36 -20.13 -0.57
C PHE A 165 -4.12 -21.07 -1.73
N GLN A 166 -4.47 -22.33 -1.54
CA GLN A 166 -4.30 -23.29 -2.62
C GLN A 166 -5.35 -22.98 -3.66
N ASP A 167 -6.55 -22.64 -3.19
CA ASP A 167 -7.66 -22.30 -4.05
C ASP A 167 -8.05 -20.84 -3.79
N THR A 168 -7.71 -19.95 -4.72
CA THR A 168 -8.05 -18.53 -4.54
C THR A 168 -9.52 -18.22 -4.68
N SER A 169 -10.36 -19.26 -4.73
CA SER A 169 -11.80 -19.09 -4.81
C SER A 169 -12.31 -18.94 -3.38
N ALA A 170 -11.42 -19.19 -2.41
CA ALA A 170 -11.76 -19.07 -0.99
C ALA A 170 -11.64 -17.61 -0.53
N PHE A 171 -11.53 -16.69 -1.49
CA PHE A 171 -11.41 -15.28 -1.19
C PHE A 171 -12.52 -14.44 -1.81
N VAL B 1 -11.08 27.60 -1.97
CA VAL B 1 -11.29 26.62 -3.08
C VAL B 1 -12.79 26.57 -3.31
N ASP B 2 -13.21 26.54 -4.58
CA ASP B 2 -14.65 26.42 -4.88
C ASP B 2 -14.96 24.94 -4.80
N LYS B 3 -15.59 24.53 -3.71
CA LYS B 3 -15.92 23.13 -3.54
C LYS B 3 -16.99 22.65 -4.52
N ARG B 4 -16.71 21.54 -5.20
CA ARG B 4 -17.70 20.96 -6.08
C ARG B 4 -18.07 19.68 -5.35
N GLU B 5 -19.23 19.12 -5.67
CA GLU B 5 -19.66 17.90 -5.02
C GLU B 5 -19.04 16.68 -5.70
N SER B 6 -18.58 16.86 -6.94
CA SER B 6 -18.01 15.77 -7.70
C SER B 6 -16.86 16.21 -8.63
N TYR B 7 -15.95 15.28 -8.92
CA TYR B 7 -14.82 15.58 -9.80
C TYR B 7 -14.64 14.49 -10.81
N THR B 8 -14.31 14.86 -12.04
CA THR B 8 -14.14 13.91 -13.14
C THR B 8 -12.68 13.48 -13.31
N LYS B 9 -12.43 12.54 -14.21
CA LYS B 9 -11.08 12.08 -14.44
C LYS B 9 -10.17 13.28 -14.78
N GLU B 10 -10.63 14.18 -15.64
CA GLU B 10 -9.84 15.35 -15.98
C GLU B 10 -9.57 16.27 -14.80
N ASP B 11 -10.49 16.34 -13.84
CA ASP B 11 -10.29 17.17 -12.65
C ASP B 11 -9.18 16.54 -11.80
N LEU B 12 -9.18 15.21 -11.71
CA LEU B 12 -8.19 14.46 -10.93
C LEU B 12 -6.81 14.52 -11.58
N LEU B 13 -6.77 14.58 -12.91
CA LEU B 13 -5.50 14.70 -13.61
C LEU B 13 -4.96 16.11 -13.38
N ALA B 14 -5.84 17.10 -13.33
CA ALA B 14 -5.42 18.48 -13.08
C ALA B 14 -4.88 18.57 -11.66
N SER B 15 -5.54 17.88 -10.72
CA SER B 15 -5.13 17.83 -9.31
C SER B 15 -3.67 17.44 -9.16
N GLY B 16 -3.28 16.39 -9.87
CA GLY B 16 -1.91 15.90 -9.81
C GLY B 16 -0.93 16.92 -10.35
N ARG B 17 -1.41 17.79 -11.24
CA ARG B 17 -0.59 18.82 -11.85
C ARG B 17 -0.55 20.06 -10.98
N GLY B 18 -1.32 20.05 -9.91
CA GLY B 18 -1.35 21.19 -9.01
C GLY B 18 -2.29 22.31 -9.47
N GLU B 19 -3.08 22.04 -10.51
CA GLU B 19 -4.00 23.04 -11.05
C GLU B 19 -5.36 23.10 -10.36
N LEU B 20 -5.85 21.99 -9.83
CA LEU B 20 -7.15 21.98 -9.19
C LEU B 20 -7.25 22.90 -7.95
N PHE B 21 -6.48 22.60 -6.90
CA PHE B 21 -6.53 23.40 -5.67
C PHE B 21 -5.44 24.48 -5.66
N GLY B 22 -4.72 24.62 -6.77
CA GLY B 22 -3.67 25.62 -6.84
C GLY B 22 -2.33 25.16 -6.29
N ALA B 23 -1.31 26.00 -6.49
CA ALA B 23 0.06 25.72 -6.06
C ALA B 23 0.32 25.44 -4.58
N LYS B 24 -0.57 25.87 -3.70
CA LYS B 24 -0.36 25.64 -2.28
C LYS B 24 -1.24 24.56 -1.66
N GLY B 25 -2.03 23.89 -2.49
CA GLY B 25 -2.89 22.85 -1.99
C GLY B 25 -2.27 21.51 -2.25
N PRO B 26 -2.81 20.42 -1.69
CA PRO B 26 -2.24 19.10 -1.93
C PRO B 26 -2.50 18.62 -3.36
N GLN B 27 -1.76 17.60 -3.80
CA GLN B 27 -1.91 17.05 -5.13
C GLN B 27 -2.18 15.56 -4.97
N LEU B 28 -2.86 14.97 -5.95
CA LEU B 28 -3.10 13.53 -5.98
C LEU B 28 -1.93 13.05 -6.81
N PRO B 29 -1.62 11.73 -6.79
CA PRO B 29 -0.51 11.28 -7.61
C PRO B 29 -1.00 11.28 -9.06
N ALA B 30 -0.07 11.11 -9.99
CA ALA B 30 -0.38 11.05 -11.40
C ALA B 30 -0.34 9.56 -11.75
N PRO B 31 -0.89 9.15 -12.93
CA PRO B 31 -0.84 7.73 -13.29
C PRO B 31 0.67 7.40 -13.25
N ASN B 32 1.06 6.19 -12.90
CA ASN B 32 0.18 5.09 -12.56
C ASN B 32 -0.14 4.97 -11.07
N MET B 33 0.12 5.98 -10.26
CA MET B 33 -0.23 5.85 -8.85
C MET B 33 -1.63 6.35 -8.55
N LEU B 34 -2.24 7.09 -9.47
CA LEU B 34 -3.62 7.56 -9.29
C LEU B 34 -4.51 6.29 -9.30
N MET B 35 -5.28 6.09 -8.23
CA MET B 35 -6.10 4.89 -8.10
C MET B 35 -7.61 5.11 -8.14
N MET B 36 -8.02 6.24 -8.72
CA MET B 36 -9.43 6.60 -8.84
C MET B 36 -9.62 7.14 -10.25
N ASP B 37 -10.83 7.00 -10.76
CA ASP B 37 -11.20 7.54 -12.06
C ASP B 37 -12.11 8.74 -11.84
N ARG B 38 -12.86 8.74 -10.75
CA ARG B 38 -13.79 9.83 -10.45
C ARG B 38 -14.15 9.90 -8.98
N VAL B 39 -14.56 11.09 -8.54
CA VAL B 39 -15.05 11.33 -7.18
C VAL B 39 -16.51 11.68 -7.47
N VAL B 40 -17.43 10.80 -7.05
CA VAL B 40 -18.85 11.00 -7.34
C VAL B 40 -19.62 11.82 -6.31
N LYS B 41 -19.16 11.79 -5.05
CA LYS B 41 -19.81 12.54 -3.98
C LYS B 41 -18.86 12.97 -2.86
N MET B 42 -18.88 14.25 -2.56
CA MET B 42 -18.09 14.85 -1.47
C MET B 42 -18.99 15.75 -0.66
N THR B 43 -19.06 15.53 0.64
CA THR B 43 -19.90 16.38 1.49
C THR B 43 -19.22 16.63 2.85
N GLU B 44 -19.37 17.84 3.38
CA GLU B 44 -18.77 18.13 4.67
C GLU B 44 -19.53 17.63 5.87
N THR B 45 -20.68 17.00 5.66
CA THR B 45 -21.43 16.40 6.76
C THR B 45 -21.71 14.98 6.28
N GLY B 46 -22.57 14.24 6.97
CA GLY B 46 -22.83 12.90 6.51
C GLY B 46 -21.66 11.97 6.77
N GLY B 47 -21.84 10.71 6.39
CA GLY B 47 -20.84 9.69 6.64
C GLY B 47 -21.25 9.08 7.97
N ASN B 48 -20.66 7.96 8.35
CA ASN B 48 -21.01 7.30 9.61
C ASN B 48 -20.92 8.19 10.84
N PHE B 49 -20.07 9.22 10.79
CA PHE B 49 -19.89 10.07 11.95
C PHE B 49 -20.46 11.46 11.74
N ASP B 50 -21.10 11.67 10.60
CA ASP B 50 -21.71 12.95 10.27
C ASP B 50 -20.69 14.10 10.20
N LYS B 51 -19.43 13.78 9.98
CA LYS B 51 -18.41 14.81 9.91
C LYS B 51 -17.71 14.86 8.57
N GLY B 52 -18.33 14.26 7.55
CA GLY B 52 -17.75 14.29 6.23
C GLY B 52 -17.80 12.95 5.53
N TYR B 53 -17.87 13.00 4.21
CA TYR B 53 -17.96 11.78 3.42
C TYR B 53 -17.47 11.98 2.00
N VAL B 54 -16.81 10.96 1.48
CA VAL B 54 -16.35 10.98 0.10
C VAL B 54 -16.49 9.60 -0.52
N GLU B 55 -16.99 9.59 -1.75
CA GLU B 55 -17.16 8.34 -2.48
C GLU B 55 -16.49 8.50 -3.82
N ALA B 56 -15.65 7.53 -4.19
CA ALA B 56 -14.93 7.59 -5.45
C ALA B 56 -14.99 6.24 -6.13
N GLU B 57 -14.59 6.17 -7.40
CA GLU B 57 -14.67 4.92 -8.13
C GLU B 57 -13.49 4.71 -9.07
N LEU B 58 -13.16 3.46 -9.31
CA LEU B 58 -12.10 3.09 -10.24
C LEU B 58 -12.77 2.03 -11.14
N ASP B 59 -12.66 2.22 -12.44
CA ASP B 59 -13.25 1.26 -13.39
C ASP B 59 -12.23 0.19 -13.67
N ILE B 60 -12.64 -1.06 -13.59
CA ILE B 60 -11.73 -2.14 -13.79
C ILE B 60 -11.76 -2.67 -15.22
N ASN B 61 -10.59 -2.99 -15.75
CA ASN B 61 -10.44 -3.57 -17.07
C ASN B 61 -9.19 -4.43 -16.93
N PRO B 62 -9.10 -5.54 -17.70
CA PRO B 62 -7.97 -6.49 -17.66
C PRO B 62 -6.61 -5.95 -17.98
N ASP B 63 -6.54 -4.81 -18.63
CA ASP B 63 -5.28 -4.20 -19.02
C ASP B 63 -4.66 -3.26 -18.01
N LEU B 64 -5.31 -3.05 -16.87
CA LEU B 64 -4.73 -2.15 -15.85
C LEU B 64 -3.32 -2.68 -15.55
N TRP B 65 -2.35 -1.78 -15.49
CA TRP B 65 -0.95 -2.14 -15.29
C TRP B 65 -0.62 -3.16 -14.20
N PHE B 66 -1.22 -3.00 -13.01
CA PHE B 66 -0.93 -3.90 -11.92
C PHE B 66 -1.27 -5.36 -12.06
N PHE B 67 -2.18 -5.70 -12.98
CA PHE B 67 -2.58 -7.10 -13.16
C PHE B 67 -1.49 -7.91 -13.82
N GLY B 68 -0.74 -7.27 -14.73
CA GLY B 68 0.29 -7.98 -15.45
C GLY B 68 1.50 -8.44 -14.64
N CYS B 69 1.80 -7.71 -13.57
CA CYS B 69 2.97 -8.04 -12.74
C CYS B 69 2.60 -8.56 -11.36
N HIS B 70 1.31 -8.57 -11.05
CA HIS B 70 0.84 -8.99 -9.74
C HIS B 70 -0.44 -9.84 -9.78
N PHE B 71 -0.29 -11.15 -10.01
CA PHE B 71 1.02 -11.79 -10.22
C PHE B 71 0.97 -12.42 -11.59
N ILE B 72 2.12 -12.77 -12.13
CA ILE B 72 2.21 -13.43 -13.44
C ILE B 72 1.46 -14.75 -13.36
N GLY B 73 0.36 -14.88 -14.09
CA GLY B 73 -0.37 -16.14 -14.04
C GLY B 73 -1.40 -16.17 -12.94
N ASP B 74 -1.51 -15.08 -12.19
CA ASP B 74 -2.49 -15.01 -11.11
C ASP B 74 -2.76 -13.53 -10.86
N PRO B 75 -3.44 -12.86 -11.82
CA PRO B 75 -3.75 -11.43 -11.70
C PRO B 75 -4.72 -11.08 -10.57
N VAL B 76 -4.38 -10.06 -9.79
CA VAL B 76 -5.21 -9.62 -8.68
C VAL B 76 -4.73 -8.23 -8.29
N MET B 77 -5.66 -7.31 -8.05
CA MET B 77 -5.24 -5.96 -7.66
C MET B 77 -4.55 -5.98 -6.28
N PRO B 78 -3.37 -5.33 -6.13
CA PRO B 78 -2.66 -5.29 -4.85
C PRO B 78 -3.50 -4.53 -3.83
N GLY B 79 -3.72 -5.14 -2.67
CA GLY B 79 -4.47 -4.48 -1.63
C GLY B 79 -3.79 -3.19 -1.22
N CYS B 80 -2.46 -3.13 -1.31
CA CYS B 80 -1.75 -1.91 -0.91
C CYS B 80 -2.19 -0.72 -1.74
N LEU B 81 -2.56 -0.96 -3.00
CA LEU B 81 -2.99 0.13 -3.86
C LEU B 81 -4.39 0.62 -3.50
N GLY B 82 -5.27 -0.28 -3.10
CA GLY B 82 -6.62 0.10 -2.70
C GLY B 82 -6.56 0.92 -1.42
N LEU B 83 -5.63 0.52 -0.55
CA LEU B 83 -5.38 1.24 0.71
C LEU B 83 -4.85 2.63 0.37
N ASP B 84 -3.93 2.72 -0.58
CA ASP B 84 -3.41 4.01 -0.95
C ASP B 84 -4.46 4.95 -1.53
N ALA B 85 -5.44 4.40 -2.24
CA ALA B 85 -6.52 5.20 -2.81
C ALA B 85 -7.27 5.90 -1.68
N MET B 86 -7.43 5.21 -0.56
CA MET B 86 -8.10 5.78 0.59
C MET B 86 -7.29 6.92 1.24
N TRP B 87 -5.95 6.76 1.30
CA TRP B 87 -5.10 7.84 1.85
C TRP B 87 -5.15 9.03 0.90
N GLN B 88 -5.15 8.73 -0.41
CA GLN B 88 -5.22 9.75 -1.48
C GLN B 88 -6.49 10.60 -1.29
N LEU B 89 -7.62 9.94 -1.04
CA LEU B 89 -8.90 10.64 -0.84
C LEU B 89 -8.94 11.53 0.41
N VAL B 90 -8.39 11.04 1.52
CA VAL B 90 -8.36 11.83 2.75
C VAL B 90 -7.55 13.10 2.50
N GLY B 91 -6.44 12.96 1.78
CA GLY B 91 -5.62 14.12 1.46
C GLY B 91 -6.30 15.11 0.52
N PHE B 92 -7.09 14.58 -0.40
CA PHE B 92 -7.85 15.36 -1.40
C PHE B 92 -8.95 16.17 -0.70
N TYR B 93 -9.57 15.56 0.29
CA TYR B 93 -10.62 16.19 1.07
C TYR B 93 -10.06 17.38 1.89
N LEU B 94 -8.93 17.17 2.55
CA LEU B 94 -8.29 18.22 3.35
C LEU B 94 -7.99 19.43 2.47
N GLY B 95 -7.60 19.18 1.23
CA GLY B 95 -7.35 20.26 0.28
C GLY B 95 -8.68 20.87 -0.16
N TRP B 96 -9.72 20.04 -0.26
CA TRP B 96 -11.05 20.50 -0.66
C TRP B 96 -11.59 21.46 0.41
N LEU B 97 -11.25 21.20 1.66
CA LEU B 97 -11.68 22.06 2.76
C LEU B 97 -10.92 23.37 2.73
N GLY B 98 -9.86 23.40 1.94
CA GLY B 98 -9.04 24.60 1.83
C GLY B 98 -7.72 24.51 2.58
N GLY B 99 -7.36 23.30 3.01
CA GLY B 99 -6.13 23.12 3.74
C GLY B 99 -4.96 23.29 2.78
N GLU B 100 -3.87 23.87 3.26
CA GLU B 100 -2.69 24.08 2.44
C GLU B 100 -1.56 23.16 2.89
N GLY B 101 -0.70 22.77 1.94
CA GLY B 101 0.40 21.90 2.27
C GLY B 101 0.36 20.66 1.40
N LYS B 102 1.48 19.95 1.36
CA LYS B 102 1.58 18.73 0.56
C LYS B 102 1.12 17.57 1.44
N GLY B 103 0.47 16.58 0.83
CA GLY B 103 -0.02 15.45 1.60
C GLY B 103 0.98 14.33 1.90
N ARG B 104 0.84 13.76 3.09
CA ARG B 104 1.68 12.65 3.51
C ARG B 104 0.85 11.69 4.35
N ALA B 105 0.79 10.41 3.96
CA ALA B 105 0.04 9.44 4.77
C ALA B 105 0.84 9.29 6.08
N LEU B 106 0.15 9.28 7.20
CA LEU B 106 0.80 9.15 8.51
C LEU B 106 0.65 7.76 9.14
N GLY B 107 -0.44 7.07 8.80
CA GLY B 107 -0.64 5.73 9.30
C GLY B 107 -2.08 5.28 9.15
N VAL B 108 -2.39 4.13 9.74
CA VAL B 108 -3.73 3.56 9.73
C VAL B 108 -3.78 2.59 10.90
N GLY B 109 -4.99 2.37 11.43
CA GLY B 109 -5.15 1.41 12.49
C GLY B 109 -5.33 0.08 11.80
N GLU B 110 -6.36 -0.67 12.17
CA GLU B 110 -6.60 -1.97 11.59
C GLU B 110 -7.03 -1.99 10.11
N VAL B 111 -6.45 -2.89 9.33
CA VAL B 111 -6.81 -3.04 7.92
C VAL B 111 -7.14 -4.51 7.75
N LYS B 112 -8.29 -4.83 7.16
CA LYS B 112 -8.66 -6.22 6.92
C LYS B 112 -9.04 -6.40 5.45
N PHE B 113 -8.43 -7.38 4.78
CA PHE B 113 -8.73 -7.70 3.40
C PHE B 113 -9.50 -9.01 3.40
N THR B 114 -10.78 -8.96 3.06
CA THR B 114 -11.58 -10.18 3.04
C THR B 114 -12.02 -10.66 1.65
N GLY B 115 -11.37 -10.18 0.60
CA GLY B 115 -11.71 -10.60 -0.75
C GLY B 115 -10.73 -9.95 -1.68
N GLN B 116 -10.87 -10.19 -2.97
CA GLN B 116 -9.94 -9.65 -3.97
C GLN B 116 -10.62 -9.02 -5.17
N VAL B 117 -9.88 -8.20 -5.91
CA VAL B 117 -10.38 -7.56 -7.13
C VAL B 117 -9.70 -8.28 -8.29
N LEU B 118 -10.48 -9.00 -9.08
CA LEU B 118 -9.96 -9.75 -10.23
C LEU B 118 -10.15 -8.94 -11.49
N PRO B 119 -9.42 -9.29 -12.55
CA PRO B 119 -9.56 -8.50 -13.78
C PRO B 119 -10.94 -8.63 -14.45
N THR B 120 -11.80 -9.46 -13.89
CA THR B 120 -13.14 -9.60 -14.44
C THR B 120 -14.15 -8.69 -13.74
N ALA B 121 -13.70 -7.98 -12.70
CA ALA B 121 -14.57 -7.07 -11.97
C ALA B 121 -14.86 -5.87 -12.87
N LYS B 122 -15.87 -5.08 -12.54
CA LYS B 122 -16.16 -3.92 -13.37
C LYS B 122 -15.85 -2.63 -12.66
N LYS B 123 -16.09 -2.58 -11.36
CA LYS B 123 -15.89 -1.34 -10.63
C LYS B 123 -15.54 -1.49 -9.17
N VAL B 124 -14.65 -0.61 -8.72
CA VAL B 124 -14.23 -0.55 -7.33
C VAL B 124 -14.76 0.74 -6.75
N THR B 125 -15.40 0.64 -5.60
CA THR B 125 -15.92 1.81 -4.94
C THR B 125 -15.16 2.05 -3.65
N TYR B 126 -14.82 3.32 -3.40
CA TYR B 126 -14.11 3.70 -2.18
C TYR B 126 -15.07 4.58 -1.39
N ARG B 127 -15.26 4.30 -0.11
CA ARG B 127 -16.14 5.14 0.71
C ARG B 127 -15.34 5.55 1.94
N ILE B 128 -15.23 6.85 2.17
CA ILE B 128 -14.45 7.41 3.28
C ILE B 128 -15.34 8.14 4.29
N HIS B 129 -15.27 7.72 5.55
CA HIS B 129 -16.04 8.30 6.64
C HIS B 129 -15.14 9.08 7.60
N PHE B 130 -15.21 10.41 7.56
CA PHE B 130 -14.37 11.23 8.43
C PHE B 130 -14.81 11.24 9.87
N LYS B 131 -13.83 11.07 10.75
CA LYS B 131 -14.05 11.06 12.18
C LYS B 131 -13.61 12.38 12.81
N ARG B 132 -12.39 12.81 12.47
CA ARG B 132 -11.80 14.02 13.02
C ARG B 132 -10.99 14.80 12.03
N ILE B 133 -11.10 16.11 12.10
CA ILE B 133 -10.34 16.99 11.24
C ILE B 133 -9.73 18.07 12.12
N VAL B 134 -8.45 18.34 11.89
CA VAL B 134 -7.70 19.36 12.61
C VAL B 134 -7.17 20.27 11.52
N ASN B 135 -7.98 21.22 11.07
CA ASN B 135 -7.55 22.13 10.01
C ASN B 135 -7.01 23.41 10.63
N ARG B 136 -6.26 23.24 11.71
CA ARG B 136 -5.65 24.36 12.41
C ARG B 136 -4.29 24.55 11.75
N ARG B 137 -3.34 25.12 12.48
CA ARG B 137 -1.99 25.27 11.93
C ARG B 137 -1.38 23.91 12.32
N LEU B 138 -1.84 22.90 11.58
CA LEU B 138 -1.49 21.48 11.71
C LEU B 138 -2.70 20.76 11.12
N ILE B 139 -2.72 20.62 9.79
CA ILE B 139 -3.85 19.95 9.15
C ILE B 139 -3.67 18.44 9.12
N MET B 140 -4.62 17.75 9.72
CA MET B 140 -4.61 16.32 9.81
C MET B 140 -6.04 15.83 9.60
N GLY B 141 -6.19 14.66 9.00
CA GLY B 141 -7.51 14.10 8.81
C GLY B 141 -7.49 12.66 9.30
N LEU B 142 -8.53 12.27 10.01
CA LEU B 142 -8.71 10.93 10.54
C LEU B 142 -9.99 10.33 9.97
N ALA B 143 -9.95 9.10 9.45
CA ALA B 143 -11.15 8.52 8.84
C ALA B 143 -11.16 7.00 8.76
N ASP B 144 -12.34 6.46 8.54
CA ASP B 144 -12.47 5.03 8.34
C ASP B 144 -12.75 4.91 6.85
N GLY B 145 -12.36 3.81 6.24
CA GLY B 145 -12.60 3.62 4.83
C GLY B 145 -13.09 2.24 4.49
N GLU B 146 -13.79 2.14 3.36
CA GLU B 146 -14.32 0.86 2.89
C GLU B 146 -14.05 0.72 1.40
N VAL B 147 -13.76 -0.48 0.94
CA VAL B 147 -13.54 -0.71 -0.48
C VAL B 147 -14.50 -1.81 -0.91
N LEU B 148 -15.27 -1.53 -1.95
CA LEU B 148 -16.24 -2.49 -2.47
C LEU B 148 -15.91 -2.79 -3.92
N VAL B 149 -16.11 -4.03 -4.34
CA VAL B 149 -15.85 -4.40 -5.74
C VAL B 149 -17.22 -4.87 -6.25
N ASP B 150 -17.77 -4.15 -7.22
CA ASP B 150 -19.10 -4.44 -7.77
C ASP B 150 -20.12 -4.61 -6.65
N GLY B 151 -20.02 -3.73 -5.65
CA GLY B 151 -20.96 -3.74 -4.55
C GLY B 151 -20.66 -4.65 -3.39
N ARG B 152 -19.63 -5.48 -3.51
CA ARG B 152 -19.29 -6.38 -2.42
C ARG B 152 -18.19 -5.74 -1.54
N LEU B 153 -18.44 -5.57 -0.25
CA LEU B 153 -17.46 -4.98 0.66
C LEU B 153 -16.32 -5.99 0.84
N ILE B 154 -15.10 -5.59 0.48
CA ILE B 154 -13.93 -6.49 0.58
C ILE B 154 -12.77 -5.98 1.48
N TYR B 155 -12.60 -4.66 1.62
CA TYR B 155 -11.53 -4.12 2.51
C TYR B 155 -12.11 -3.10 3.47
N THR B 156 -11.63 -3.10 4.71
CA THR B 156 -12.04 -2.07 5.66
C THR B 156 -10.72 -1.57 6.26
N ALA B 157 -10.68 -0.31 6.67
CA ALA B 157 -9.48 0.27 7.26
C ALA B 157 -9.94 1.25 8.31
N SER B 158 -9.52 1.05 9.56
CA SER B 158 -9.88 1.97 10.63
C SER B 158 -8.76 2.95 10.86
N ASP B 159 -9.13 4.19 11.15
CA ASP B 159 -8.19 5.26 11.46
C ASP B 159 -7.11 5.61 10.48
N LEU B 160 -7.53 5.79 9.23
CA LEU B 160 -6.64 6.23 8.18
C LEU B 160 -6.27 7.62 8.67
N LYS B 161 -4.97 7.95 8.63
CA LYS B 161 -4.51 9.25 9.10
C LYS B 161 -3.62 9.92 8.04
N VAL B 162 -3.92 11.17 7.70
CA VAL B 162 -3.14 11.89 6.69
C VAL B 162 -2.89 13.30 7.16
N GLY B 163 -1.71 13.85 6.89
CA GLY B 163 -1.43 15.22 7.31
C GLY B 163 -0.99 16.06 6.12
N LEU B 164 -1.19 17.36 6.19
CA LEU B 164 -0.75 18.25 5.11
C LEU B 164 0.48 19.00 5.64
N PHE B 165 1.54 19.09 4.84
CA PHE B 165 2.77 19.74 5.29
C PHE B 165 3.22 20.87 4.38
N GLN B 166 3.22 22.09 4.93
CA GLN B 166 3.65 23.27 4.19
C GLN B 166 5.11 23.12 3.74
N ASP B 167 5.92 22.55 4.63
CA ASP B 167 7.33 22.29 4.36
C ASP B 167 7.51 20.81 4.57
N THR B 168 7.74 20.10 3.48
CA THR B 168 7.89 18.66 3.53
C THR B 168 9.27 18.17 3.94
N SER B 169 10.22 19.07 4.16
CA SER B 169 11.56 18.65 4.55
C SER B 169 11.58 18.36 6.04
N ALA B 170 10.54 18.81 6.72
CA ALA B 170 10.39 18.60 8.14
C ALA B 170 9.80 17.21 8.40
N PHE B 171 9.67 16.41 7.35
CA PHE B 171 9.15 15.06 7.46
C PHE B 171 10.29 14.09 7.10
#